data_9DHH
#
_entry.id   9DHH
#
_cell.length_a   90.813
_cell.length_b   90.813
_cell.length_c   122.738
_cell.angle_alpha   90.00
_cell.angle_beta   90.00
_cell.angle_gamma   120.00
#
_symmetry.space_group_name_H-M   'P 32 2 1'
#
loop_
_entity.id
_entity.type
_entity.pdbx_description
1 polymer 'Dihydroorotate dehydrogenase (quinone), mitochondrial'
2 non-polymer 'FLAVIN MONONUCLEOTIDE'
3 non-polymer 'OROTIC ACID'
4 non-polymer 'ACETATE ION'
5 non-polymer (3S,7P)-7-[4-ethyl-3-(hydroxymethyl)-5-oxo-4,5-dihydro-1H-1,2,4-triazol-1-yl]-6-fluoro-3-(2-methylphenyl)-1-(propan-2-yl)-2,3-dihydroquinolin-4(1H)-one
6 non-polymer 'SULFATE ION'
7 non-polymer 'CHLORIDE ION'
8 non-polymer GLYCEROL
9 non-polymer 1,2-ETHANEDIOL
10 non-polymer 'LAURYL DIMETHYLAMINE-N-OXIDE'
11 water water
#
_entity_poly.entity_id   1
_entity_poly.type   'polypeptide(L)'
_entity_poly.pdbx_seq_one_letter_code
;GAMATGDERFYAEHLMPTLQGLLDPESAHRLAVRFTSLGLLPRARFQDSDMLEVRVLGHKFRNPVGIAAGFDKHGEAVDG
LYKMGFGFVEIGSVTPKPQEGNPRPRVFRLPEDQAVINRYGFNSHGLSVVEHRLRARQQKQAKLTEDGLPLGVNLGKNKT
SVDAAEDYAEGVRVLGPLADYLVVNVSSPNTAGLRSLQGKAELRRLLTKVLQERDGLRRVHRPAVLVKIAPDLTSQDKED
IASVVKELGIDGLIVTNTTVSRPAGLQGALRSETGGLSGKPLRDLSTQTIREMYALTQGRVPIIGVGGVSSGQDALEKIR
AGASLVQLYTALTFWGPPVVGKVKRELEALLKEQGFGGVTDAIGADHRR
;
_entity_poly.pdbx_strand_id   A
#
loop_
_chem_comp.id
_chem_comp.type
_chem_comp.name
_chem_comp.formula
A1A4O non-polymer (3S,7P)-7-[4-ethyl-3-(hydroxymethyl)-5-oxo-4,5-dihydro-1H-1,2,4-triazol-1-yl]-6-fluoro-3-(2-methylphenyl)-1-(propan-2-yl)-2,3-dihydroquinolin-4(1H)-one 'C24 H27 F N4 O3'
ACT non-polymer 'ACETATE ION' 'C2 H3 O2 -1'
CL non-polymer 'CHLORIDE ION' 'Cl -1'
EDO non-polymer 1,2-ETHANEDIOL 'C2 H6 O2'
FMN non-polymer 'FLAVIN MONONUCLEOTIDE' 'C17 H21 N4 O9 P'
GOL non-polymer GLYCEROL 'C3 H8 O3'
LDA non-polymer 'LAURYL DIMETHYLAMINE-N-OXIDE' 'C14 H31 N O'
ORO non-polymer 'OROTIC ACID' 'C5 H4 N2 O4'
SO4 non-polymer 'SULFATE ION' 'O4 S -2'
#
# COMPACT_ATOMS: atom_id res chain seq x y z
N ALA A 2 -11.56 -2.97 26.93
CA ALA A 2 -10.15 -2.49 27.21
C ALA A 2 -10.01 -0.96 26.99
N MET A 3 -8.86 -0.43 27.40
CA MET A 3 -8.44 0.94 27.03
C MET A 3 -8.28 1.05 25.50
N ALA A 4 -7.77 -0.05 24.88
CA ALA A 4 -7.72 -0.22 23.40
C ALA A 4 -9.08 -0.08 22.76
N THR A 5 -10.05 -0.92 23.17
CA THR A 5 -11.36 -0.85 22.56
C THR A 5 -12.02 0.52 22.95
N GLY A 6 -11.58 1.14 24.07
CA GLY A 6 -12.02 2.47 24.45
C GLY A 6 -11.73 3.56 23.43
N ASP A 7 -10.43 3.71 23.14
CA ASP A 7 -9.98 4.59 22.09
C ASP A 7 -10.64 4.20 20.75
N GLU A 8 -10.74 2.90 20.43
CA GLU A 8 -11.26 2.50 19.09
C GLU A 8 -12.65 3.09 18.88
N ARG A 9 -13.50 2.90 19.92
CA ARG A 9 -14.86 3.35 19.86
C ARG A 9 -14.99 4.90 19.79
N PHE A 10 -14.24 5.57 20.63
CA PHE A 10 -14.29 7.04 20.69
C PHE A 10 -13.86 7.63 19.35
N TYR A 11 -12.80 7.04 18.77
CA TYR A 11 -12.31 7.52 17.47
C TYR A 11 -13.29 7.30 16.35
N ALA A 12 -13.79 6.06 16.27
CA ALA A 12 -14.65 5.67 15.21
C ALA A 12 -16.04 6.32 15.30
N GLU A 13 -16.59 6.37 16.52
CA GLU A 13 -17.97 6.84 16.76
C GLU A 13 -18.09 8.36 16.90
N HIS A 14 -17.04 9.03 17.34
CA HIS A 14 -17.08 10.45 17.72
C HIS A 14 -16.02 11.34 17.10
N LEU A 15 -14.76 11.05 17.37
CA LEU A 15 -13.68 11.98 16.95
CA LEU A 15 -13.66 11.98 16.96
C LEU A 15 -13.55 12.07 15.46
N MET A 16 -13.40 10.92 14.81
CA MET A 16 -13.25 10.96 13.37
C MET A 16 -14.44 11.54 12.60
N PRO A 17 -15.68 11.07 12.88
CA PRO A 17 -16.75 11.70 12.10
C PRO A 17 -16.90 13.22 12.35
N THR A 18 -16.56 13.67 13.56
CA THR A 18 -16.66 15.08 13.91
C THR A 18 -15.60 15.87 13.14
N LEU A 19 -14.34 15.43 13.19
CA LEU A 19 -13.27 16.14 12.49
C LEU A 19 -13.43 16.12 10.98
N GLN A 20 -13.86 14.98 10.45
CA GLN A 20 -14.06 14.83 9.04
C GLN A 20 -15.21 15.71 8.51
N GLY A 21 -16.20 15.98 9.39
CA GLY A 21 -17.29 16.92 9.06
C GLY A 21 -16.87 18.38 9.04
N LEU A 22 -15.76 18.73 9.69
CA LEU A 22 -15.26 20.12 9.70
C LEU A 22 -14.23 20.48 8.61
N LEU A 23 -13.68 19.46 7.93
CA LEU A 23 -12.53 19.60 7.03
C LEU A 23 -12.88 19.08 5.63
N ASP A 24 -12.36 19.82 4.64
CA ASP A 24 -12.19 19.39 3.25
C ASP A 24 -11.35 18.09 3.29
N PRO A 25 -11.62 17.10 2.41
CA PRO A 25 -10.87 15.82 2.48
C PRO A 25 -9.37 15.96 2.28
N GLU A 26 -8.92 16.82 1.36
CA GLU A 26 -7.50 17.03 1.15
C GLU A 26 -6.87 17.77 2.34
N SER A 27 -7.58 18.75 2.92
CA SER A 27 -7.09 19.36 4.18
C SER A 27 -6.94 18.36 5.30
N ALA A 28 -7.89 17.40 5.41
CA ALA A 28 -7.84 16.36 6.38
C ALA A 28 -6.56 15.50 6.19
N HIS A 29 -6.32 15.16 4.93
CA HIS A 29 -5.11 14.39 4.55
C HIS A 29 -3.80 15.12 5.01
N ARG A 30 -3.69 16.38 4.64
N ARG A 30 -3.70 16.38 4.64
CA ARG A 30 -2.52 17.18 5.01
CA ARG A 30 -2.54 17.19 4.98
C ARG A 30 -2.35 17.30 6.51
C ARG A 30 -2.35 17.33 6.49
N LEU A 31 -3.46 17.52 7.23
CA LEU A 31 -3.42 17.60 8.67
CA LEU A 31 -3.40 17.59 8.68
C LEU A 31 -2.99 16.28 9.31
N ALA A 32 -3.47 15.19 8.76
CA ALA A 32 -3.12 13.86 9.24
C ALA A 32 -1.61 13.58 9.06
N VAL A 33 -1.06 13.98 7.94
CA VAL A 33 0.38 13.81 7.69
C VAL A 33 1.18 14.66 8.72
N ARG A 34 0.71 15.89 8.94
CA ARG A 34 1.40 16.76 9.93
C ARG A 34 1.39 16.19 11.33
N PHE A 35 0.20 15.82 11.80
CA PHE A 35 0.11 15.23 13.12
C PHE A 35 0.94 13.96 13.26
N THR A 36 0.89 13.11 12.22
CA THR A 36 1.64 11.88 12.25
C THR A 36 3.14 12.16 12.30
N SER A 37 3.59 13.11 11.53
CA SER A 37 5.00 13.45 11.44
C SER A 37 5.54 13.91 12.79
N LEU A 38 4.69 14.58 13.56
CA LEU A 38 5.04 15.06 14.91
C LEU A 38 4.86 14.02 16.03
N GLY A 39 4.29 12.87 15.70
CA GLY A 39 4.08 11.79 16.65
C GLY A 39 2.91 12.07 17.61
N LEU A 40 1.98 12.91 17.16
CA LEU A 40 0.81 13.33 17.98
C LEU A 40 -0.32 12.36 17.76
N LEU A 41 -0.19 11.24 18.46
CA LEU A 41 -0.97 10.02 18.20
C LEU A 41 -1.47 9.40 19.48
N PRO A 42 -2.66 8.71 19.41
CA PRO A 42 -3.05 7.93 20.58
C PRO A 42 -2.05 6.81 20.84
N ARG A 43 -2.06 6.31 22.08
CA ARG A 43 -1.15 5.21 22.47
C ARG A 43 -1.54 3.94 21.65
N ALA A 44 -0.53 3.30 21.06
CA ALA A 44 -0.70 1.99 20.39
C ALA A 44 -0.32 0.94 21.42
N ARG A 45 -1.29 0.62 22.27
CA ARG A 45 -1.10 -0.33 23.39
C ARG A 45 -0.80 -1.81 22.99
N PHE A 46 -1.22 -2.14 21.74
CA PHE A 46 -0.96 -3.50 21.21
C PHE A 46 0.53 -3.92 21.09
N GLN A 47 0.89 -5.01 21.76
CA GLN A 47 2.27 -5.56 21.74
C GLN A 47 2.27 -6.64 20.70
N ASP A 48 3.09 -6.46 19.66
CA ASP A 48 3.17 -7.45 18.59
C ASP A 48 3.67 -8.79 19.18
N SER A 49 2.94 -9.82 18.87
CA SER A 49 3.16 -11.23 19.19
C SER A 49 4.08 -11.85 18.15
N ASP A 50 4.78 -12.90 18.54
CA ASP A 50 5.56 -13.74 17.61
C ASP A 50 4.71 -14.32 16.49
N MET A 51 3.42 -14.56 16.76
CA MET A 51 2.46 -15.10 15.78
C MET A 51 2.31 -14.22 14.57
N LEU A 52 2.57 -12.93 14.74
CA LEU A 52 2.38 -11.97 13.64
C LEU A 52 3.62 -11.74 12.80
N GLU A 53 4.78 -12.27 13.18
CA GLU A 53 5.99 -12.01 12.42
C GLU A 53 5.94 -12.80 11.09
N VAL A 54 6.44 -12.20 10.04
CA VAL A 54 6.50 -12.78 8.73
C VAL A 54 7.89 -12.50 8.18
N ARG A 55 8.52 -13.49 7.57
CA ARG A 55 9.79 -13.35 6.86
C ARG A 55 9.55 -13.50 5.35
N VAL A 56 9.69 -12.41 4.62
CA VAL A 56 9.50 -12.37 3.17
C VAL A 56 10.32 -11.23 2.54
N LEU A 57 10.58 -11.25 1.20
CA LEU A 57 11.29 -10.16 0.50
C LEU A 57 12.67 -9.85 1.06
N GLY A 58 13.27 -10.85 1.71
CA GLY A 58 14.63 -10.67 2.34
C GLY A 58 14.62 -9.93 3.66
N HIS A 59 13.42 -9.79 4.30
CA HIS A 59 13.31 -9.07 5.56
C HIS A 59 12.33 -9.77 6.59
N LYS A 60 12.55 -9.50 7.86
CA LYS A 60 11.61 -9.74 8.93
C LYS A 60 10.63 -8.57 8.97
N PHE A 61 9.35 -8.92 9.11
CA PHE A 61 8.29 -7.93 9.35
C PHE A 61 7.66 -8.28 10.71
N ARG A 62 7.74 -7.36 11.69
CA ARG A 62 7.28 -7.59 13.06
C ARG A 62 5.77 -7.94 13.08
N ASN A 63 5.03 -7.30 12.19
CA ASN A 63 3.62 -7.63 11.96
C ASN A 63 3.30 -7.45 10.47
N PRO A 64 2.19 -7.99 9.99
CA PRO A 64 1.98 -8.00 8.54
C PRO A 64 1.11 -6.88 8.06
N VAL A 65 0.87 -5.85 8.86
CA VAL A 65 -0.04 -4.77 8.52
C VAL A 65 0.74 -3.49 8.20
N GLY A 66 0.66 -3.04 6.95
CA GLY A 66 1.38 -1.85 6.52
C GLY A 66 0.45 -0.74 6.10
N ILE A 67 1.02 0.46 6.03
CA ILE A 67 0.35 1.63 5.46
C ILE A 67 0.60 1.62 3.94
N ALA A 68 -0.48 1.64 3.16
CA ALA A 68 -0.40 1.65 1.75
C ALA A 68 0.12 2.99 1.20
N ALA A 69 0.65 2.96 0.00
CA ALA A 69 1.04 4.15 -0.72
C ALA A 69 -0.13 5.13 -0.82
N GLY A 70 0.23 6.41 -0.87
CA GLY A 70 -0.72 7.48 -1.04
C GLY A 70 -0.94 8.31 0.19
N PHE A 71 -0.83 7.73 1.36
CA PHE A 71 -0.96 8.47 2.60
C PHE A 71 0.25 9.40 2.80
N ASP A 72 1.44 8.83 2.74
CA ASP A 72 2.70 9.61 2.87
C ASP A 72 3.42 9.58 1.53
N LYS A 73 2.95 10.41 0.62
CA LYS A 73 3.49 10.44 -0.75
C LYS A 73 4.94 10.90 -0.76
N HIS A 74 5.32 11.78 0.19
CA HIS A 74 6.60 12.47 0.10
C HIS A 74 7.58 12.08 1.23
N GLY A 75 7.30 11.03 1.97
CA GLY A 75 8.18 10.52 3.03
C GLY A 75 8.36 11.43 4.20
N GLU A 76 7.29 12.09 4.57
CA GLU A 76 7.26 13.06 5.69
C GLU A 76 6.90 12.49 7.07
N ALA A 77 6.32 11.30 7.09
CA ALA A 77 5.67 10.81 8.30
C ALA A 77 6.05 9.37 8.66
N VAL A 78 7.21 8.93 8.18
CA VAL A 78 7.57 7.52 8.28
C VAL A 78 7.65 7.07 9.73
N ASP A 79 8.38 7.86 10.54
CA ASP A 79 8.53 7.48 11.91
C ASP A 79 7.23 7.44 12.73
N GLY A 80 6.39 8.42 12.46
CA GLY A 80 5.07 8.43 13.04
C GLY A 80 4.17 7.30 12.64
N LEU A 81 4.35 6.81 11.42
CA LEU A 81 3.60 5.63 10.98
C LEU A 81 4.04 4.36 11.67
N TYR A 82 5.34 4.23 11.91
CA TYR A 82 5.76 3.10 12.78
C TYR A 82 5.21 3.23 14.19
N LYS A 83 5.16 4.48 14.70
CA LYS A 83 4.60 4.71 16.04
C LYS A 83 3.12 4.32 16.11
N MET A 84 2.40 4.45 14.99
CA MET A 84 1.01 4.01 14.94
C MET A 84 0.81 2.49 15.05
N GLY A 85 1.88 1.73 14.83
CA GLY A 85 1.89 0.30 14.95
C GLY A 85 1.95 -0.49 13.64
N PHE A 86 2.17 0.21 12.53
CA PHE A 86 2.35 -0.48 11.26
C PHE A 86 3.64 -1.29 11.28
N GLY A 87 3.58 -2.50 10.75
CA GLY A 87 4.75 -3.37 10.64
C GLY A 87 5.73 -2.97 9.53
N PHE A 88 5.25 -2.19 8.59
CA PHE A 88 6.07 -1.67 7.50
C PHE A 88 5.38 -0.43 6.95
N VAL A 89 6.16 0.42 6.30
CA VAL A 89 5.70 1.67 5.76
C VAL A 89 6.07 1.72 4.30
N GLU A 90 5.11 2.11 3.46
CA GLU A 90 5.36 2.42 2.07
C GLU A 90 5.11 3.88 1.81
N ILE A 91 6.08 4.57 1.23
CA ILE A 91 5.91 5.96 0.82
C ILE A 91 5.76 6.06 -0.68
N GLY A 92 5.26 7.17 -1.12
CA GLY A 92 5.06 7.45 -2.53
C GLY A 92 3.61 7.42 -2.93
N SER A 93 3.31 7.47 -4.21
CA SER A 93 4.27 7.39 -5.31
C SER A 93 5.09 8.67 -5.44
N VAL A 94 6.36 8.48 -5.77
CA VAL A 94 7.29 9.59 -6.00
C VAL A 94 7.62 9.65 -7.50
N THR A 95 7.55 10.83 -8.11
CA THR A 95 7.86 11.01 -9.51
C THR A 95 9.26 11.64 -9.62
N PRO A 96 9.91 11.51 -10.81
CA PRO A 96 11.28 12.06 -10.91
C PRO A 96 11.42 13.54 -10.65
N LYS A 97 10.63 14.32 -11.36
CA LYS A 97 10.56 15.75 -11.14
C LYS A 97 9.39 16.06 -10.22
N PRO A 98 9.47 17.15 -9.47
CA PRO A 98 8.25 17.60 -8.78
C PRO A 98 7.10 17.88 -9.76
N GLN A 99 5.90 17.61 -9.30
CA GLN A 99 4.71 18.00 -10.07
C GLN A 99 3.51 18.17 -9.17
N GLU A 100 2.62 19.04 -9.62
CA GLU A 100 1.49 19.46 -8.79
C GLU A 100 0.35 18.49 -8.67
N GLY A 101 0.18 17.65 -9.68
CA GLY A 101 -1.01 16.79 -9.77
C GLY A 101 -2.22 17.56 -10.31
N ASN A 102 -3.38 16.93 -10.19
CA ASN A 102 -4.62 17.48 -10.74
C ASN A 102 -5.12 18.68 -9.93
N PRO A 103 -5.97 19.55 -10.56
CA PRO A 103 -6.66 20.62 -9.79
C PRO A 103 -7.59 20.10 -8.68
N ARG A 104 -7.73 20.89 -7.62
CA ARG A 104 -8.59 20.66 -6.45
C ARG A 104 -10.02 21.14 -6.73
N PRO A 105 -11.06 20.42 -6.30
CA PRO A 105 -10.98 19.23 -5.47
C PRO A 105 -10.62 17.93 -6.27
N ARG A 106 -9.89 17.08 -5.55
CA ARG A 106 -9.42 15.82 -6.21
C ARG A 106 -9.48 14.61 -5.27
N VAL A 107 -10.14 14.76 -4.14
CA VAL A 107 -10.35 13.69 -3.15
CA VAL A 107 -10.39 13.63 -3.29
C VAL A 107 -11.79 13.82 -2.68
N PHE A 108 -12.50 12.70 -2.58
CA PHE A 108 -13.95 12.71 -2.30
C PHE A 108 -14.31 11.64 -1.31
N ARG A 109 -15.07 11.96 -0.26
CA ARG A 109 -15.45 10.97 0.73
CA ARG A 109 -15.50 10.99 0.75
C ARG A 109 -16.84 10.38 0.38
N LEU A 110 -16.99 9.08 0.56
CA LEU A 110 -18.25 8.37 0.35
C LEU A 110 -18.50 7.64 1.66
N PRO A 111 -18.95 8.40 2.68
CA PRO A 111 -19.07 7.79 4.02
C PRO A 111 -20.10 6.66 4.09
N GLU A 112 -21.15 6.73 3.31
CA GLU A 112 -22.19 5.70 3.30
C GLU A 112 -21.68 4.39 2.73
N ASP A 113 -20.59 4.46 2.01
CA ASP A 113 -19.98 3.30 1.39
C ASP A 113 -18.66 2.89 2.07
N GLN A 114 -18.25 3.62 3.12
N GLN A 114 -18.22 3.63 3.10
CA GLN A 114 -16.92 3.50 3.71
CA GLN A 114 -16.91 3.43 3.70
C GLN A 114 -15.85 3.45 2.62
C GLN A 114 -15.83 3.45 2.62
N ALA A 115 -15.94 4.43 1.73
CA ALA A 115 -15.10 4.50 0.51
C ALA A 115 -14.59 5.92 0.32
N VAL A 116 -13.56 6.01 -0.51
CA VAL A 116 -13.01 7.27 -1.01
C VAL A 116 -12.85 7.13 -2.52
N ILE A 117 -12.99 8.27 -3.22
CA ILE A 117 -12.54 8.39 -4.62
C ILE A 117 -11.45 9.45 -4.67
N ASN A 118 -10.35 9.16 -5.31
CA ASN A 118 -9.27 10.15 -5.48
C ASN A 118 -8.82 10.23 -6.91
N ARG A 119 -8.42 11.47 -7.28
CA ARG A 119 -7.76 11.73 -8.55
C ARG A 119 -6.60 12.69 -8.33
N TYR A 120 -5.73 12.35 -7.39
CA TYR A 120 -4.57 13.24 -7.09
C TYR A 120 -3.69 13.50 -8.29
N GLY A 121 -3.45 12.48 -9.11
CA GLY A 121 -2.64 12.58 -10.27
C GLY A 121 -1.15 12.71 -9.98
N PHE A 122 -0.69 11.96 -9.00
CA PHE A 122 0.74 11.91 -8.72
C PHE A 122 1.34 13.25 -8.29
N ASN A 123 0.67 13.94 -7.40
CA ASN A 123 1.28 15.12 -6.76
C ASN A 123 2.50 14.66 -6.03
N SER A 124 3.65 15.17 -6.34
CA SER A 124 4.89 14.66 -5.74
C SER A 124 5.89 15.78 -5.58
N HIS A 125 6.58 15.77 -4.43
CA HIS A 125 7.76 16.60 -4.24
C HIS A 125 8.97 16.26 -5.12
N GLY A 126 8.95 15.11 -5.75
CA GLY A 126 9.98 14.67 -6.64
C GLY A 126 11.12 13.91 -5.94
N LEU A 127 11.90 13.22 -6.74
CA LEU A 127 12.90 12.32 -6.21
C LEU A 127 13.96 13.01 -5.32
N SER A 128 14.47 14.17 -5.73
N SER A 128 14.46 14.18 -5.73
CA SER A 128 15.54 14.84 -4.98
CA SER A 128 15.54 14.83 -4.98
C SER A 128 15.09 15.21 -3.59
C SER A 128 15.10 15.23 -3.59
N VAL A 129 13.89 15.82 -3.47
CA VAL A 129 13.37 16.16 -2.15
C VAL A 129 13.22 14.93 -1.26
N VAL A 130 12.62 13.87 -1.82
CA VAL A 130 12.38 12.72 -1.02
C VAL A 130 13.72 12.05 -0.65
N GLU A 131 14.68 12.02 -1.60
CA GLU A 131 15.99 11.45 -1.31
C GLU A 131 16.65 12.11 -0.10
N HIS A 132 16.60 13.45 -0.07
CA HIS A 132 17.23 14.16 1.02
C HIS A 132 16.49 13.91 2.35
N ARG A 133 15.17 13.82 2.27
CA ARG A 133 14.36 13.50 3.44
C ARG A 133 14.71 12.11 4.01
N LEU A 134 14.84 11.09 3.15
CA LEU A 134 15.18 9.77 3.63
C LEU A 134 16.62 9.72 4.09
N ARG A 135 17.52 10.45 3.41
CA ARG A 135 18.93 10.46 3.85
C ARG A 135 19.10 10.95 5.27
N ALA A 136 18.24 11.90 5.67
CA ALA A 136 18.37 12.49 7.01
C ALA A 136 18.12 11.49 8.14
N ARG A 137 17.44 10.38 7.80
CA ARG A 137 17.09 9.33 8.77
C ARG A 137 17.53 7.94 8.28
N GLN A 138 18.56 7.90 7.40
CA GLN A 138 18.91 6.64 6.75
C GLN A 138 19.37 5.57 7.76
N GLN A 139 20.20 5.97 8.74
CA GLN A 139 20.67 5.02 9.73
C GLN A 139 19.62 4.66 10.73
N LYS A 140 18.77 5.62 11.08
CA LYS A 140 17.58 5.31 11.88
C LYS A 140 16.73 4.23 11.18
N GLN A 141 16.58 4.35 9.87
CA GLN A 141 15.81 3.33 9.14
C GLN A 141 16.55 1.99 9.10
N ALA A 142 17.90 2.01 8.96
CA ALA A 142 18.61 0.76 8.95
C ALA A 142 18.34 -0.02 10.23
N LYS A 143 18.31 0.67 11.38
CA LYS A 143 18.01 0.03 12.64
C LYS A 143 16.57 -0.44 12.77
N LEU A 144 15.65 0.35 12.23
CA LEU A 144 14.24 -0.05 12.19
C LEU A 144 14.03 -1.35 11.37
N THR A 145 14.65 -1.39 10.20
CA THR A 145 14.56 -2.53 9.33
C THR A 145 15.16 -3.77 10.00
N GLU A 146 16.32 -3.59 10.62
CA GLU A 146 16.92 -4.71 11.36
C GLU A 146 16.04 -5.24 12.52
N ASP A 147 15.27 -4.32 13.12
CA ASP A 147 14.33 -4.60 14.17
CA ASP A 147 14.33 -4.60 14.17
C ASP A 147 12.94 -5.08 13.65
N GLY A 148 12.83 -5.36 12.34
CA GLY A 148 11.57 -5.91 11.77
C GLY A 148 10.58 -4.89 11.27
N LEU A 149 11.05 -3.67 10.93
CA LEU A 149 10.15 -2.57 10.45
C LEU A 149 10.66 -1.97 9.16
N PRO A 150 10.45 -2.73 8.04
CA PRO A 150 11.02 -2.31 6.74
C PRO A 150 10.27 -1.12 6.09
N LEU A 151 10.94 -0.51 5.13
CA LEU A 151 10.49 0.63 4.36
C LEU A 151 10.41 0.33 2.88
N GLY A 152 9.26 0.59 2.30
CA GLY A 152 9.04 0.50 0.86
C GLY A 152 8.94 1.89 0.24
N VAL A 153 9.38 2.00 -1.00
CA VAL A 153 9.26 3.23 -1.77
C VAL A 153 8.58 2.94 -3.08
N ASN A 154 7.50 3.63 -3.35
CA ASN A 154 6.68 3.42 -4.51
C ASN A 154 7.00 4.52 -5.55
N LEU A 155 7.35 4.07 -6.75
CA LEU A 155 7.85 4.92 -7.81
C LEU A 155 6.76 5.15 -8.86
N GLY A 156 6.60 6.40 -9.26
CA GLY A 156 5.72 6.80 -10.37
C GLY A 156 6.48 7.48 -11.48
N LYS A 157 5.70 8.03 -12.42
CA LYS A 157 6.24 8.70 -13.59
C LYS A 157 5.60 10.06 -13.72
N ASN A 158 6.33 11.00 -14.31
CA ASN A 158 5.82 12.31 -14.52
C ASN A 158 4.79 12.32 -15.64
N LYS A 159 3.85 13.22 -15.51
CA LYS A 159 2.76 13.37 -16.47
C LYS A 159 3.28 13.56 -17.89
N THR A 160 4.29 14.39 -18.03
CA THR A 160 4.74 14.77 -19.37
C THR A 160 5.92 13.96 -19.87
N SER A 161 6.31 12.91 -19.14
CA SER A 161 7.48 12.11 -19.50
C SER A 161 7.25 11.46 -20.89
N VAL A 162 8.30 11.49 -21.71
CA VAL A 162 8.31 10.81 -23.02
C VAL A 162 8.94 9.38 -23.02
N ASP A 163 9.34 8.88 -21.87
CA ASP A 163 10.00 7.59 -21.76
C ASP A 163 9.72 7.11 -20.34
N ALA A 164 8.61 6.41 -20.19
CA ALA A 164 8.19 5.87 -18.86
C ALA A 164 9.26 5.04 -18.16
N ALA A 165 9.86 4.12 -18.90
CA ALA A 165 10.88 3.24 -18.35
C ALA A 165 12.04 4.05 -17.78
N GLU A 166 12.41 5.17 -18.44
CA GLU A 166 13.49 6.01 -17.89
C GLU A 166 13.09 6.70 -16.58
N ASP A 167 11.83 7.06 -16.44
CA ASP A 167 11.38 7.65 -15.17
C ASP A 167 11.53 6.61 -14.02
N TYR A 168 11.09 5.37 -14.29
CA TYR A 168 11.20 4.33 -13.28
C TYR A 168 12.67 4.02 -12.97
N ALA A 169 13.51 3.97 -14.01
CA ALA A 169 14.96 3.74 -13.82
C ALA A 169 15.62 4.80 -12.95
N GLU A 170 15.23 6.05 -13.16
CA GLU A 170 15.70 7.17 -12.34
C GLU A 170 15.31 6.99 -10.86
N GLY A 171 14.07 6.54 -10.63
CA GLY A 171 13.63 6.23 -9.29
C GLY A 171 14.39 5.12 -8.60
N VAL A 172 14.72 4.08 -9.38
CA VAL A 172 15.49 2.99 -8.85
C VAL A 172 16.87 3.52 -8.41
N ARG A 173 17.48 4.33 -9.29
CA ARG A 173 18.86 4.81 -8.99
C ARG A 173 18.91 5.78 -7.80
N VAL A 174 17.86 6.57 -7.65
CA VAL A 174 17.87 7.62 -6.63
C VAL A 174 17.34 7.14 -5.31
N LEU A 175 16.21 6.43 -5.32
CA LEU A 175 15.63 5.94 -4.06
C LEU A 175 15.84 4.48 -3.74
N GLY A 176 16.20 3.67 -4.72
CA GLY A 176 16.57 2.31 -4.45
C GLY A 176 17.55 2.06 -3.32
N PRO A 177 18.60 2.93 -3.22
CA PRO A 177 19.58 2.73 -2.14
C PRO A 177 19.07 3.04 -0.75
N LEU A 178 17.87 3.63 -0.68
CA LEU A 178 17.28 3.99 0.60
C LEU A 178 16.09 3.13 1.00
N ALA A 179 15.77 2.14 0.20
CA ALA A 179 14.54 1.35 0.35
C ALA A 179 14.80 -0.12 0.64
N ASP A 180 13.91 -0.77 1.37
CA ASP A 180 13.95 -2.24 1.46
C ASP A 180 13.29 -2.91 0.29
N TYR A 181 12.24 -2.27 -0.23
CA TYR A 181 11.63 -2.70 -1.47
C TYR A 181 11.19 -1.47 -2.26
N LEU A 182 11.18 -1.63 -3.57
CA LEU A 182 10.65 -0.67 -4.50
C LEU A 182 9.38 -1.18 -5.11
N VAL A 183 8.49 -0.29 -5.49
CA VAL A 183 7.25 -0.64 -6.20
C VAL A 183 7.19 0.11 -7.52
N VAL A 184 6.99 -0.66 -8.58
CA VAL A 184 6.79 -0.12 -9.90
C VAL A 184 5.30 -0.06 -9.98
N ASN A 185 4.84 1.19 -9.79
CA ASN A 185 3.49 1.42 -9.86
C ASN A 185 3.04 1.65 -11.23
N VAL A 186 2.44 0.62 -11.85
CA VAL A 186 1.92 0.77 -13.19
C VAL A 186 0.35 0.77 -13.20
N SER A 187 -0.26 1.12 -12.07
CA SER A 187 -1.71 0.91 -11.93
C SER A 187 -2.46 2.09 -11.38
N SER A 188 -1.82 3.31 -11.29
CA SER A 188 -2.66 4.50 -11.04
C SER A 188 -3.75 4.67 -12.09
N PRO A 189 -4.99 4.91 -11.65
CA PRO A 189 -5.99 5.23 -12.65
C PRO A 189 -5.95 6.69 -13.14
N ASN A 190 -5.09 7.50 -12.56
CA ASN A 190 -5.12 8.97 -12.67
C ASN A 190 -3.95 9.57 -13.42
N THR A 191 -3.23 8.74 -14.20
CA THR A 191 -2.19 9.24 -15.15
C THR A 191 -2.48 8.56 -16.48
N ALA A 192 -2.62 9.36 -17.53
CA ALA A 192 -3.04 8.89 -18.86
C ALA A 192 -1.99 7.96 -19.42
N GLY A 193 -2.45 6.81 -19.93
CA GLY A 193 -1.58 5.78 -20.49
C GLY A 193 -0.81 4.89 -19.52
N LEU A 194 -0.82 5.20 -18.22
CA LEU A 194 0.01 4.47 -17.26
C LEU A 194 -0.34 2.98 -17.18
N ARG A 195 -1.62 2.67 -17.13
CA ARG A 195 -2.05 1.27 -16.92
C ARG A 195 -1.78 0.38 -18.13
N SER A 196 -1.59 1.01 -19.32
CA SER A 196 -1.07 0.31 -20.52
C SER A 196 0.32 -0.31 -20.32
N LEU A 197 1.10 0.22 -19.40
CA LEU A 197 2.38 -0.38 -18.99
C LEU A 197 2.23 -1.75 -18.31
N GLN A 198 1.03 -2.13 -17.87
CA GLN A 198 0.73 -3.51 -17.44
C GLN A 198 0.64 -4.57 -18.59
N GLY A 199 0.58 -4.12 -19.84
CA GLY A 199 0.48 -5.03 -20.98
C GLY A 199 1.77 -5.78 -21.18
N LYS A 200 1.71 -6.97 -21.77
CA LYS A 200 2.89 -7.91 -21.78
C LYS A 200 4.25 -7.38 -22.30
N ALA A 201 4.22 -6.86 -23.50
CA ALA A 201 5.47 -6.45 -24.24
C ALA A 201 6.15 -5.25 -23.59
N GLU A 202 5.32 -4.25 -23.29
CA GLU A 202 5.68 -3.01 -22.64
C GLU A 202 6.12 -3.33 -21.20
N LEU A 203 5.38 -4.24 -20.52
CA LEU A 203 5.80 -4.63 -19.17
C LEU A 203 7.18 -5.33 -19.12
N ARG A 204 7.40 -6.28 -20.03
CA ARG A 204 8.67 -7.05 -20.06
C ARG A 204 9.87 -6.09 -20.28
N ARG A 205 9.73 -5.18 -21.22
CA ARG A 205 10.77 -4.23 -21.54
C ARG A 205 11.04 -3.25 -20.32
N LEU A 206 9.96 -2.71 -19.77
CA LEU A 206 10.03 -1.85 -18.60
C LEU A 206 10.71 -2.56 -17.43
N LEU A 207 10.22 -3.74 -17.08
CA LEU A 207 10.73 -4.44 -15.90
C LEU A 207 12.17 -4.93 -16.09
N THR A 208 12.51 -5.32 -17.31
CA THR A 208 13.90 -5.69 -17.60
C THR A 208 14.84 -4.50 -17.25
N LYS A 209 14.47 -3.31 -17.71
CA LYS A 209 15.25 -2.10 -17.42
C LYS A 209 15.33 -1.75 -15.94
N VAL A 210 14.16 -1.86 -15.27
CA VAL A 210 14.15 -1.66 -13.83
C VAL A 210 15.04 -2.62 -13.07
N LEU A 211 14.95 -3.91 -13.41
CA LEU A 211 15.74 -4.90 -12.71
C LEU A 211 17.24 -4.75 -13.01
N GLN A 212 17.60 -4.36 -14.22
CA GLN A 212 18.99 -4.11 -14.53
C GLN A 212 19.55 -2.97 -13.67
N GLU A 213 18.74 -1.90 -13.51
CA GLU A 213 19.19 -0.77 -12.68
CA GLU A 213 19.16 -0.76 -12.67
C GLU A 213 19.31 -1.20 -11.22
N ARG A 214 18.34 -1.98 -10.72
CA ARG A 214 18.38 -2.46 -9.37
C ARG A 214 19.62 -3.36 -9.12
N ASP A 215 19.88 -4.25 -10.07
CA ASP A 215 21.00 -5.16 -9.95
C ASP A 215 22.37 -4.43 -9.93
N GLY A 216 22.42 -3.25 -10.50
CA GLY A 216 23.62 -2.42 -10.47
C GLY A 216 23.88 -1.64 -9.22
N LEU A 217 23.01 -1.74 -8.22
CA LEU A 217 23.25 -1.11 -6.91
C LEU A 217 24.11 -2.02 -6.04
N ARG A 218 24.92 -1.41 -5.18
CA ARG A 218 25.74 -2.14 -4.23
C ARG A 218 24.85 -2.99 -3.34
N ARG A 219 25.38 -4.14 -2.86
CA ARG A 219 24.57 -5.13 -2.17
C ARG A 219 23.72 -4.61 -1.01
N VAL A 220 24.32 -3.86 -0.10
CA VAL A 220 23.54 -3.40 1.07
CA VAL A 220 23.66 -3.25 1.09
C VAL A 220 22.50 -2.34 0.69
N HIS A 221 22.55 -1.87 -0.54
CA HIS A 221 21.61 -0.87 -1.10
C HIS A 221 20.76 -1.42 -2.22
N ARG A 222 20.58 -2.74 -2.27
CA ARG A 222 19.90 -3.37 -3.40
C ARG A 222 18.51 -3.89 -2.90
N PRO A 223 17.44 -3.14 -3.25
CA PRO A 223 16.09 -3.49 -2.77
C PRO A 223 15.41 -4.59 -3.57
N ALA A 224 14.42 -5.22 -2.94
CA ALA A 224 13.46 -6.05 -3.71
C ALA A 224 12.66 -5.13 -4.65
N VAL A 225 12.15 -5.69 -5.75
CA VAL A 225 11.34 -4.96 -6.72
C VAL A 225 9.97 -5.69 -6.85
N LEU A 226 8.93 -4.93 -6.57
CA LEU A 226 7.54 -5.40 -6.69
C LEU A 226 6.80 -4.59 -7.78
N VAL A 227 5.78 -5.23 -8.38
CA VAL A 227 4.91 -4.59 -9.34
C VAL A 227 3.53 -4.47 -8.68
N LYS A 228 2.95 -3.23 -8.71
CA LYS A 228 1.63 -3.01 -8.15
C LYS A 228 0.64 -2.94 -9.31
N ILE A 229 -0.41 -3.73 -9.20
CA ILE A 229 -1.34 -3.90 -10.26
C ILE A 229 -2.74 -3.46 -9.88
N ALA A 230 -3.50 -3.22 -10.94
CA ALA A 230 -4.87 -2.81 -10.81
C ALA A 230 -5.82 -3.96 -10.47
N PRO A 231 -7.02 -3.64 -9.95
CA PRO A 231 -8.08 -4.59 -9.72
C PRO A 231 -8.96 -4.77 -10.99
N ASP A 232 -8.66 -4.04 -12.06
CA ASP A 232 -9.51 -3.94 -13.27
C ASP A 232 -8.92 -4.63 -14.48
N LEU A 233 -7.99 -5.52 -14.25
CA LEU A 233 -7.32 -6.20 -15.35
C LEU A 233 -8.18 -7.29 -15.96
N THR A 234 -8.02 -7.50 -17.26
CA THR A 234 -8.65 -8.67 -17.88
C THR A 234 -7.92 -9.96 -17.43
N SER A 235 -8.57 -11.09 -17.62
CA SER A 235 -7.93 -12.36 -17.45
C SER A 235 -6.62 -12.49 -18.24
N GLN A 236 -6.62 -12.00 -19.48
CA GLN A 236 -5.43 -12.00 -20.32
C GLN A 236 -4.30 -11.19 -19.69
N ASP A 237 -4.64 -9.99 -19.21
CA ASP A 237 -3.66 -9.13 -18.54
C ASP A 237 -3.02 -9.82 -17.33
N LYS A 238 -3.86 -10.48 -16.51
CA LYS A 238 -3.35 -11.19 -15.33
C LYS A 238 -2.40 -12.34 -15.71
N GLU A 239 -2.77 -13.13 -16.71
CA GLU A 239 -1.92 -14.21 -17.18
C GLU A 239 -0.59 -13.69 -17.68
N ASP A 240 -0.66 -12.63 -18.44
CA ASP A 240 0.55 -12.02 -18.98
C ASP A 240 1.49 -11.48 -17.87
N ILE A 241 0.91 -10.78 -16.88
CA ILE A 241 1.69 -10.33 -15.77
C ILE A 241 2.38 -11.45 -15.04
N ALA A 242 1.62 -12.49 -14.73
CA ALA A 242 2.16 -13.64 -14.07
C ALA A 242 3.35 -14.24 -14.85
N SER A 243 3.19 -14.33 -16.17
CA SER A 243 4.22 -14.90 -17.06
C SER A 243 5.52 -14.09 -17.00
N VAL A 244 5.36 -12.77 -17.06
CA VAL A 244 6.47 -11.85 -17.06
C VAL A 244 7.19 -11.86 -15.69
N VAL A 245 6.42 -11.81 -14.63
CA VAL A 245 6.97 -11.85 -13.33
C VAL A 245 7.84 -13.06 -13.10
N LYS A 246 7.36 -14.20 -13.53
CA LYS A 246 8.13 -15.46 -13.37
C LYS A 246 9.36 -15.47 -14.26
N GLU A 247 9.21 -15.05 -15.52
CA GLU A 247 10.33 -15.02 -16.47
C GLU A 247 11.48 -14.11 -15.97
N LEU A 248 11.16 -12.95 -15.41
CA LEU A 248 12.15 -12.01 -14.99
C LEU A 248 12.62 -12.13 -13.56
N GLY A 249 11.94 -12.90 -12.77
CA GLY A 249 12.23 -13.01 -11.37
C GLY A 249 11.92 -11.77 -10.54
N ILE A 250 10.81 -11.11 -10.88
CA ILE A 250 10.28 -10.06 -10.03
C ILE A 250 10.05 -10.59 -8.65
N ASP A 251 10.39 -9.79 -7.63
CA ASP A 251 10.36 -10.27 -6.30
C ASP A 251 8.98 -10.39 -5.64
N GLY A 252 8.00 -9.62 -6.10
CA GLY A 252 6.66 -9.73 -5.53
C GLY A 252 5.69 -8.84 -6.27
N LEU A 253 4.44 -8.94 -5.79
CA LEU A 253 3.33 -8.16 -6.36
C LEU A 253 2.58 -7.45 -5.26
N ILE A 254 2.08 -6.26 -5.57
CA ILE A 254 1.15 -5.56 -4.67
C ILE A 254 -0.19 -5.52 -5.40
N VAL A 255 -1.20 -6.04 -4.68
CA VAL A 255 -2.47 -6.41 -5.30
C VAL A 255 -3.56 -5.93 -4.33
N THR A 256 -4.24 -4.79 -4.53
CA THR A 256 -4.36 -4.00 -5.70
C THR A 256 -4.33 -2.52 -5.41
N ASN A 257 -4.19 -1.75 -6.48
CA ASN A 257 -4.49 -0.34 -6.52
C ASN A 257 -6.02 -0.10 -6.44
N THR A 258 -6.43 1.16 -6.54
CA THR A 258 -7.82 1.52 -6.60
C THR A 258 -8.50 1.08 -7.91
N THR A 259 -9.84 1.03 -7.90
CA THR A 259 -10.59 0.63 -9.05
C THR A 259 -11.25 1.81 -9.76
N VAL A 260 -11.23 1.75 -11.09
CA VAL A 260 -12.02 2.62 -11.94
C VAL A 260 -13.44 2.14 -12.16
N SER A 261 -13.75 0.96 -11.63
CA SER A 261 -15.13 0.48 -11.66
C SER A 261 -15.95 1.21 -10.61
N ARG A 262 -17.29 1.12 -10.75
CA ARG A 262 -18.21 1.65 -9.80
C ARG A 262 -19.20 0.54 -9.50
N PRO A 263 -18.86 -0.35 -8.53
CA PRO A 263 -19.73 -1.46 -8.20
C PRO A 263 -21.14 -1.03 -7.98
N ALA A 264 -22.07 -1.85 -8.49
CA ALA A 264 -23.47 -1.59 -8.21
C ALA A 264 -23.66 -1.48 -6.68
N GLY A 265 -24.51 -0.52 -6.25
CA GLY A 265 -24.83 -0.35 -4.89
C GLY A 265 -24.20 0.80 -4.16
N LEU A 266 -23.21 1.46 -4.78
CA LEU A 266 -22.67 2.65 -4.13
C LEU A 266 -23.78 3.68 -3.89
N GLN A 267 -23.76 4.25 -2.70
CA GLN A 267 -24.74 5.22 -2.25
C GLN A 267 -24.26 6.65 -2.17
N GLY A 268 -22.97 6.88 -1.99
CA GLY A 268 -22.48 8.25 -1.79
C GLY A 268 -22.88 9.12 -2.98
N ALA A 269 -23.18 10.36 -2.62
CA ALA A 269 -23.54 11.38 -3.62
C ALA A 269 -22.44 11.59 -4.69
N LEU A 270 -21.19 11.34 -4.28
CA LEU A 270 -20.02 11.58 -5.14
C LEU A 270 -19.53 10.35 -5.94
N ARG A 271 -20.37 9.29 -5.98
CA ARG A 271 -19.99 8.06 -6.61
C ARG A 271 -19.56 8.16 -8.06
N SER A 272 -20.04 9.19 -8.79
CA SER A 272 -19.74 9.35 -10.19
C SER A 272 -18.59 10.34 -10.47
N GLU A 273 -17.88 10.77 -9.43
CA GLU A 273 -16.64 11.52 -9.64
C GLU A 273 -15.61 10.59 -10.32
N THR A 274 -14.83 11.18 -11.23
CA THR A 274 -13.65 10.54 -11.81
C THR A 274 -12.60 10.24 -10.76
N GLY A 275 -12.04 9.04 -10.82
CA GLY A 275 -10.91 8.69 -10.00
C GLY A 275 -10.90 7.22 -9.58
N GLY A 276 -9.95 6.87 -8.71
CA GLY A 276 -9.87 5.52 -8.18
C GLY A 276 -10.69 5.41 -6.91
N LEU A 277 -11.51 4.36 -6.84
CA LEU A 277 -12.29 4.04 -5.67
C LEU A 277 -11.54 3.06 -4.78
N SER A 278 -11.57 3.38 -3.48
CA SER A 278 -10.91 2.60 -2.46
C SER A 278 -11.89 2.26 -1.33
N GLY A 279 -11.45 1.49 -0.36
CA GLY A 279 -12.29 1.13 0.80
C GLY A 279 -13.17 -0.10 0.55
N LYS A 280 -14.25 -0.16 1.32
CA LYS A 280 -15.07 -1.40 1.41
C LYS A 280 -15.52 -1.91 0.04
N PRO A 281 -15.93 -1.03 -0.90
CA PRO A 281 -16.45 -1.56 -2.15
C PRO A 281 -15.38 -2.26 -3.01
N LEU A 282 -14.11 -1.97 -2.71
CA LEU A 282 -12.97 -2.58 -3.42
C LEU A 282 -12.56 -3.92 -2.81
N ARG A 283 -12.92 -4.17 -1.56
CA ARG A 283 -12.33 -5.25 -0.77
C ARG A 283 -12.29 -6.58 -1.48
N ASP A 284 -13.49 -7.06 -1.89
CA ASP A 284 -13.56 -8.43 -2.44
C ASP A 284 -12.99 -8.55 -3.85
N LEU A 285 -13.10 -7.48 -4.64
N LEU A 285 -13.10 -7.48 -4.66
CA LEU A 285 -12.45 -7.41 -5.92
CA LEU A 285 -12.41 -7.44 -5.93
C LEU A 285 -10.92 -7.53 -5.75
C LEU A 285 -10.91 -7.63 -5.71
N SER A 286 -10.39 -6.93 -4.70
N SER A 286 -10.38 -6.92 -4.74
CA SER A 286 -8.96 -7.05 -4.42
CA SER A 286 -8.97 -7.05 -4.44
C SER A 286 -8.58 -8.45 -3.93
C SER A 286 -8.61 -8.47 -3.97
N THR A 287 -9.37 -8.99 -3.03
CA THR A 287 -9.13 -10.35 -2.50
C THR A 287 -9.11 -11.38 -3.63
N GLN A 288 -10.06 -11.26 -4.55
N GLN A 288 -10.07 -11.25 -4.53
CA GLN A 288 -10.13 -12.21 -5.65
CA GLN A 288 -10.15 -12.17 -5.69
C GLN A 288 -8.99 -12.03 -6.67
C GLN A 288 -8.96 -12.03 -6.61
N THR A 289 -8.49 -10.80 -6.81
CA THR A 289 -7.28 -10.58 -7.62
C THR A 289 -6.04 -11.23 -6.95
N ILE A 290 -5.89 -11.12 -5.64
CA ILE A 290 -4.85 -11.82 -4.91
C ILE A 290 -4.93 -13.31 -5.18
N ARG A 291 -6.16 -13.85 -5.06
CA ARG A 291 -6.38 -15.29 -5.21
C ARG A 291 -5.92 -15.76 -6.58
N GLU A 292 -6.30 -15.02 -7.62
CA GLU A 292 -5.90 -15.38 -8.99
CA GLU A 292 -5.91 -15.34 -8.99
C GLU A 292 -4.39 -15.23 -9.20
N MET A 293 -3.81 -14.14 -8.72
CA MET A 293 -2.39 -13.97 -8.97
C MET A 293 -1.53 -15.03 -8.19
N TYR A 294 -1.97 -15.43 -7.00
CA TYR A 294 -1.30 -16.47 -6.23
C TYR A 294 -1.31 -17.78 -7.04
N ALA A 295 -2.47 -18.15 -7.57
CA ALA A 295 -2.59 -19.35 -8.34
C ALA A 295 -1.75 -19.29 -9.61
N LEU A 296 -1.81 -18.18 -10.35
CA LEU A 296 -1.05 -18.05 -11.58
C LEU A 296 0.49 -18.09 -11.37
N THR A 297 0.94 -17.73 -10.20
CA THR A 297 2.35 -17.73 -9.84
C THR A 297 2.74 -18.92 -8.97
N GLN A 298 1.82 -19.88 -8.82
CA GLN A 298 2.09 -21.12 -8.08
C GLN A 298 2.49 -20.93 -6.64
N GLY A 299 2.04 -19.81 -6.07
CA GLY A 299 2.39 -19.51 -4.71
C GLY A 299 3.85 -19.16 -4.47
N ARG A 300 4.60 -18.93 -5.54
CA ARG A 300 6.07 -18.72 -5.47
C ARG A 300 6.48 -17.25 -5.43
N VAL A 301 5.51 -16.35 -5.56
CA VAL A 301 5.77 -14.91 -5.64
C VAL A 301 5.05 -14.20 -4.49
N PRO A 302 5.75 -13.66 -3.54
CA PRO A 302 5.11 -12.92 -2.47
C PRO A 302 4.15 -11.83 -2.95
N ILE A 303 2.99 -11.76 -2.30
CA ILE A 303 1.99 -10.79 -2.58
C ILE A 303 1.72 -9.94 -1.33
N ILE A 304 1.67 -8.64 -1.53
CA ILE A 304 1.19 -7.72 -0.52
C ILE A 304 -0.25 -7.38 -0.94
N GLY A 305 -1.20 -7.75 -0.07
CA GLY A 305 -2.62 -7.61 -0.37
C GLY A 305 -3.16 -6.31 0.16
N VAL A 306 -3.90 -5.59 -0.67
CA VAL A 306 -4.38 -4.24 -0.29
C VAL A 306 -5.70 -3.97 -1.03
N GLY A 307 -6.62 -3.34 -0.30
CA GLY A 307 -7.89 -2.91 -0.79
C GLY A 307 -9.01 -3.28 0.16
N GLY A 308 -9.55 -2.28 0.83
CA GLY A 308 -10.65 -2.52 1.72
C GLY A 308 -10.42 -3.28 3.00
N VAL A 309 -9.19 -3.28 3.52
CA VAL A 309 -8.92 -3.89 4.80
C VAL A 309 -9.28 -2.94 5.93
N SER A 310 -10.22 -3.36 6.78
CA SER A 310 -10.57 -2.57 7.97
C SER A 310 -10.73 -3.44 9.25
N SER A 311 -10.51 -4.74 9.16
CA SER A 311 -10.66 -5.64 10.26
C SER A 311 -9.68 -6.81 10.12
N GLY A 312 -9.57 -7.55 11.22
CA GLY A 312 -8.80 -8.76 11.20
C GLY A 312 -9.32 -9.80 10.21
N GLN A 313 -10.65 -9.93 10.13
CA GLN A 313 -11.21 -10.83 9.11
C GLN A 313 -10.81 -10.40 7.70
N ASP A 314 -10.87 -9.10 7.42
CA ASP A 314 -10.50 -8.64 6.13
C ASP A 314 -9.01 -9.02 5.80
N ALA A 315 -8.16 -8.79 6.78
CA ALA A 315 -6.75 -9.14 6.64
C ALA A 315 -6.55 -10.64 6.43
N LEU A 316 -7.20 -11.44 7.25
CA LEU A 316 -7.04 -12.89 7.14
C LEU A 316 -7.58 -13.44 5.85
N GLU A 317 -8.69 -12.84 5.31
CA GLU A 317 -9.18 -13.30 4.02
C GLU A 317 -8.14 -13.10 2.92
N LYS A 318 -7.43 -11.96 2.99
CA LYS A 318 -6.39 -11.73 1.97
C LYS A 318 -5.19 -12.66 2.17
N ILE A 319 -4.80 -12.90 3.41
CA ILE A 319 -3.69 -13.82 3.73
C ILE A 319 -4.03 -15.22 3.24
N ARG A 320 -5.23 -15.70 3.59
CA ARG A 320 -5.64 -17.05 3.14
CA ARG A 320 -5.64 -17.06 3.14
C ARG A 320 -5.75 -17.17 1.62
N ALA A 321 -6.06 -16.05 0.94
CA ALA A 321 -6.11 -16.04 -0.50
C ALA A 321 -4.71 -16.03 -1.19
N GLY A 322 -3.65 -15.72 -0.39
CA GLY A 322 -2.31 -15.72 -0.88
C GLY A 322 -1.42 -14.58 -0.55
N ALA A 323 -1.93 -13.59 0.21
CA ALA A 323 -1.05 -12.48 0.64
C ALA A 323 -0.11 -12.84 1.82
N SER A 324 1.17 -12.45 1.71
CA SER A 324 2.08 -12.60 2.82
C SER A 324 2.00 -11.44 3.80
N LEU A 325 1.60 -10.28 3.28
CA LEU A 325 1.48 -9.05 4.04
C LEU A 325 0.24 -8.35 3.52
N VAL A 326 -0.28 -7.42 4.31
CA VAL A 326 -1.41 -6.61 3.87
C VAL A 326 -1.11 -5.14 4.13
N GLN A 327 -1.80 -4.24 3.41
CA GLN A 327 -1.79 -2.83 3.65
C GLN A 327 -3.20 -2.32 3.78
N LEU A 328 -3.29 -1.11 4.37
CA LEU A 328 -4.54 -0.38 4.38
C LEU A 328 -4.24 1.10 4.27
N TYR A 329 -5.23 1.84 3.76
CA TYR A 329 -5.23 3.29 3.83
C TYR A 329 -6.63 3.79 4.17
N THR A 330 -7.58 3.52 3.32
CA THR A 330 -8.91 4.11 3.48
C THR A 330 -9.55 3.92 4.85
N ALA A 331 -9.40 2.74 5.47
CA ALA A 331 -9.92 2.52 6.81
C ALA A 331 -9.44 3.57 7.82
N LEU A 332 -8.18 3.99 7.68
CA LEU A 332 -7.63 4.97 8.59
C LEU A 332 -8.43 6.29 8.53
N THR A 333 -9.00 6.63 7.37
CA THR A 333 -9.73 7.88 7.19
C THR A 333 -11.07 7.87 7.93
N PHE A 334 -11.57 6.69 8.23
CA PHE A 334 -12.81 6.55 8.99
C PHE A 334 -12.64 6.23 10.44
N TRP A 335 -11.68 5.34 10.77
N TRP A 335 -11.67 5.39 10.81
CA TRP A 335 -11.45 4.79 12.12
CA TRP A 335 -11.55 4.92 12.18
C TRP A 335 -10.39 5.55 12.89
C TRP A 335 -10.34 5.49 12.91
N GLY A 336 -9.45 6.19 12.19
CA GLY A 336 -8.29 6.77 12.79
C GLY A 336 -7.24 5.78 13.23
N PRO A 337 -6.16 6.28 13.82
CA PRO A 337 -5.02 5.44 14.27
C PRO A 337 -5.33 4.17 15.03
N PRO A 338 -6.37 4.15 15.89
CA PRO A 338 -6.63 2.90 16.60
C PRO A 338 -7.01 1.69 15.70
N VAL A 339 -7.33 1.96 14.44
CA VAL A 339 -7.64 0.83 13.53
C VAL A 339 -6.47 -0.16 13.36
N VAL A 340 -5.22 0.36 13.54
CA VAL A 340 -4.04 -0.48 13.32
C VAL A 340 -4.01 -1.62 14.37
N GLY A 341 -4.10 -1.22 15.65
CA GLY A 341 -4.16 -2.20 16.74
C GLY A 341 -5.37 -3.09 16.67
N LYS A 342 -6.47 -2.51 16.23
CA LYS A 342 -7.73 -3.31 16.05
C LYS A 342 -7.50 -4.47 15.08
N VAL A 343 -7.02 -4.14 13.90
CA VAL A 343 -6.77 -5.17 12.87
C VAL A 343 -5.81 -6.23 13.40
N LYS A 344 -4.69 -5.79 14.02
CA LYS A 344 -3.71 -6.73 14.54
C LYS A 344 -4.29 -7.66 15.61
N ARG A 345 -5.04 -7.07 16.55
CA ARG A 345 -5.66 -7.84 17.63
C ARG A 345 -6.67 -8.87 17.07
N GLU A 346 -7.51 -8.42 16.16
CA GLU A 346 -8.51 -9.30 15.56
C GLU A 346 -7.86 -10.41 14.73
N LEU A 347 -6.81 -10.06 13.99
CA LEU A 347 -6.08 -11.04 13.17
C LEU A 347 -5.45 -12.14 14.06
N GLU A 348 -4.78 -11.72 15.13
CA GLU A 348 -4.19 -12.69 16.06
C GLU A 348 -5.27 -13.64 16.60
N ALA A 349 -6.38 -13.09 17.03
CA ALA A 349 -7.46 -13.91 17.55
C ALA A 349 -8.00 -14.93 16.55
N LEU A 350 -8.21 -14.50 15.31
CA LEU A 350 -8.69 -15.36 14.27
C LEU A 350 -7.71 -16.45 13.89
N LEU A 351 -6.41 -16.12 13.85
CA LEU A 351 -5.41 -17.12 13.57
C LEU A 351 -5.51 -18.26 14.61
N LYS A 352 -5.63 -17.89 15.89
CA LYS A 352 -5.78 -18.89 16.95
C LYS A 352 -7.05 -19.71 16.80
N GLU A 353 -8.16 -19.03 16.52
CA GLU A 353 -9.46 -19.70 16.33
C GLU A 353 -9.49 -20.69 15.19
N GLN A 354 -8.70 -20.42 14.14
CA GLN A 354 -8.66 -21.23 12.92
C GLN A 354 -7.51 -22.25 12.89
N GLY A 355 -6.76 -22.33 13.98
CA GLY A 355 -5.75 -23.38 14.19
C GLY A 355 -4.39 -23.07 13.51
N PHE A 356 -4.13 -21.80 13.19
CA PHE A 356 -2.85 -21.40 12.56
C PHE A 356 -1.87 -21.05 13.68
N GLY A 357 -0.65 -21.56 13.56
CA GLY A 357 0.39 -21.24 14.52
C GLY A 357 0.88 -19.80 14.39
N GLY A 358 0.73 -19.23 13.20
CA GLY A 358 1.07 -17.82 12.99
C GLY A 358 0.62 -17.44 11.60
N VAL A 359 0.92 -16.19 11.21
CA VAL A 359 0.59 -15.68 9.89
C VAL A 359 1.10 -16.56 8.80
N THR A 360 2.38 -16.92 8.92
CA THR A 360 3.01 -17.72 7.89
C THR A 360 2.22 -18.98 7.49
N ASP A 361 1.66 -19.66 8.49
CA ASP A 361 0.92 -20.88 8.24
C ASP A 361 -0.36 -20.66 7.46
N ALA A 362 -0.92 -19.46 7.58
CA ALA A 362 -2.18 -19.08 6.89
C ALA A 362 -2.02 -18.63 5.46
N ILE A 363 -0.80 -18.24 5.07
CA ILE A 363 -0.59 -17.72 3.73
C ILE A 363 -0.98 -18.74 2.66
N GLY A 364 -1.96 -18.37 1.83
CA GLY A 364 -2.43 -19.26 0.80
C GLY A 364 -3.28 -20.44 1.24
N ALA A 365 -3.69 -20.48 2.48
CA ALA A 365 -4.39 -21.64 3.02
C ALA A 365 -5.64 -22.04 2.28
N ASP A 366 -6.34 -21.09 1.68
CA ASP A 366 -7.54 -21.43 0.91
C ASP A 366 -7.27 -22.34 -0.28
N HIS A 367 -6.07 -22.23 -0.86
CA HIS A 367 -5.71 -22.94 -2.07
C HIS A 367 -5.46 -24.40 -1.74
N ARG A 368 -5.29 -24.71 -0.44
CA ARG A 368 -5.00 -26.06 0.01
C ARG A 368 -6.22 -26.77 0.60
N ARG A 369 -7.41 -26.18 0.44
CA ARG A 369 -8.72 -26.76 0.89
C ARG A 369 -9.28 -27.75 -0.13
N1 FMN B . -1.26 3.80 -4.64
C2 FMN B . -0.06 4.00 -5.21
O2 FMN B . 0.54 2.97 -5.57
N3 FMN B . 0.50 5.25 -5.26
C4 FMN B . -0.11 6.36 -4.88
O4 FMN B . 0.49 7.50 -4.96
C4A FMN B . -1.44 6.26 -4.34
N5 FMN B . -2.15 7.38 -3.96
C5A FMN B . -3.33 7.20 -3.28
C6 FMN B . -4.03 8.26 -2.73
C7 FMN B . -5.22 8.12 -2.09
C7M FMN B . -5.89 9.35 -1.49
C8 FMN B . -5.79 6.82 -1.90
C8M FMN B . -7.04 6.60 -1.16
C9 FMN B . -5.08 5.72 -2.38
C9A FMN B . -3.89 5.86 -3.09
N10 FMN B . -3.21 4.72 -3.62
C10 FMN B . -1.96 4.90 -4.20
C1' FMN B . -3.78 3.38 -3.51
C2' FMN B . -3.58 2.72 -2.15
O2' FMN B . -2.18 2.49 -1.98
C3' FMN B . -4.32 1.39 -2.12
O3' FMN B . -3.77 0.55 -3.15
C4' FMN B . -5.84 1.53 -2.29
O4' FMN B . -6.34 2.75 -1.78
C5' FMN B . -6.60 0.33 -1.73
O5' FMN B . -6.39 0.24 -0.31
P FMN B . -7.49 0.85 0.73
O1P FMN B . -7.34 2.37 0.70
O2P FMN B . -8.85 0.37 0.29
O3P FMN B . -7.04 0.30 2.07
N1 ORO C . -4.27 7.48 -6.83
C2 ORO C . -4.50 6.16 -6.72
O2 ORO C . -5.62 5.77 -6.32
N3 ORO C . -3.54 5.28 -7.03
C4 ORO C . -2.33 5.72 -7.46
O4 ORO C . -1.49 4.83 -7.76
C5 ORO C . -2.03 7.08 -7.56
C6 ORO C . -3.06 7.95 -7.24
C7 ORO C . -2.92 9.39 -7.51
O71 ORO C . -1.86 10.01 -7.30
O72 ORO C . -3.95 9.93 -8.09
C ACT D . 20.42 16.44 -6.15
O ACT D . 19.90 16.62 -5.04
OXT ACT D . 21.30 15.54 -6.33
CH3 ACT D . 19.97 17.32 -7.27
C1 A1A4O E . -7.91 10.09 1.60
C2 A1A4O E . -7.53 11.42 2.22
C4 A1A4O E . -6.85 11.10 4.61
C8 A1A4O E . -8.96 11.75 4.32
C11 A1A4O E . -7.06 10.97 7.12
C12 A1A4O E . -7.43 11.90 8.08
C15 A1A4O E . -5.91 9.69 8.75
C16 A1A4O E . -6.27 9.88 7.48
C18 A1A4O E . -5.89 10.28 11.14
C21 A1A4O E . -6.73 12.59 11.66
N22 A1A4O E . -7.50 12.58 10.43
C23 A1A4O E . -8.37 13.75 10.06
C24 A1A4O E . -9.50 13.86 11.05
C27 A1A4O E . -6.41 11.47 14.63
C30 A1A4O E . -3.64 11.64 14.80
C31 A1A4O E . -4.21 11.46 13.59
C32 A1A4O E . -3.23 11.44 12.48
N3 A1A4O E . -7.76 11.43 3.67
O5 A1A4O E . -5.66 10.79 4.43
N6 A1A4O E . -7.50 11.20 5.82
N7 A1A4O E . -8.82 11.61 5.59
C9 A1A4O E . -10.26 12.25 3.71
O10 A1A4O E . -10.77 11.33 2.80
C13 A1A4O E . -7.10 11.69 9.42
C14 A1A4O E . -6.29 10.56 9.74
F17 A1A4O E . -5.92 8.98 6.55
O19 A1A4O E . -5.30 9.25 11.46
C20 A1A4O E . -6.39 11.23 12.20
C25 A1A4O E . -7.59 15.00 10.15
C26 A1A4O E . -5.59 11.38 13.46
C28 A1A4O E . -5.76 11.59 15.84
C29 A1A4O E . -4.40 11.67 15.90
C ACT F . 17.14 -0.20 5.08
O ACT F . 17.15 -1.43 5.22
OXT ACT F . 17.81 0.41 5.84
CH3 ACT F . 16.40 0.51 3.98
S SO4 G . 28.02 0.53 1.23
O1 SO4 G . 29.39 1.14 1.12
O2 SO4 G . 27.51 0.19 -0.11
O3 SO4 G . 28.11 -0.67 2.08
O4 SO4 G . 27.14 1.59 1.83
S SO4 H . 27.50 -8.71 -4.79
O1 SO4 H . 26.24 -9.31 -4.27
O2 SO4 H . 27.21 -7.56 -5.66
O3 SO4 H . 28.38 -8.21 -3.69
O4 SO4 H . 28.20 -9.68 -5.62
C ACT I . -19.70 -3.39 0.14
O ACT I . -20.93 -3.31 0.54
OXT ACT I . -18.90 -2.45 0.14
CH3 ACT I . -19.30 -4.63 -0.49
CL CL J . 23.00 5.57 -0.21
C1 GOL K . 16.45 12.97 -10.22
O1 GOL K . 16.55 13.54 -8.91
C2 GOL K . 15.69 13.95 -11.09
O2 GOL K . 16.51 15.11 -11.21
C3 GOL K . 15.43 13.45 -12.50
O3 GOL K . 14.76 14.46 -13.29
CL CL L . -12.92 7.24 -13.38
C ACT M . -0.81 15.31 0.26
O ACT M . -1.88 15.98 -0.10
OXT ACT M . -0.13 14.48 -0.44
CH3 ACT M . -0.29 15.40 1.66
C1 EDO N . 3.04 21.18 -0.36
O1 EDO N . 2.51 22.20 -1.21
C2 EDO N . 2.72 19.83 -1.02
O2 EDO N . 2.88 18.60 -0.26
S SO4 O . 5.20 -13.43 -25.75
O1 SO4 O . 3.68 -13.53 -25.75
O2 SO4 O . 5.72 -13.82 -27.10
O3 SO4 O . 5.64 -12.02 -25.48
O4 SO4 O . 5.79 -14.38 -24.76
S SO4 P . -6.02 6.03 -19.32
O1 SO4 P . -5.76 7.36 -19.93
O2 SO4 P . -4.79 5.22 -19.21
O3 SO4 P . -6.62 6.20 -17.98
O4 SO4 P . -6.98 5.36 -20.22
C ACT Q . -19.37 13.50 2.51
O ACT Q . -18.59 13.75 3.53
OXT ACT Q . -18.94 13.47 1.29
CH3 ACT Q . -20.86 13.25 2.75
C ACT R . -7.59 -8.82 -23.56
O ACT R . -7.14 -8.25 -22.54
OXT ACT R . -8.56 -9.62 -23.47
CH3 ACT R . -7.01 -8.53 -24.92
C ACT S . -0.71 -23.24 -5.39
O ACT S . 0.12 -23.82 -6.13
OXT ACT S . -1.53 -22.39 -5.85
CH3 ACT S . -0.69 -23.58 -3.93
C ACT T . 11.41 18.68 5.45
O ACT T . 11.86 17.53 5.48
OXT ACT T . 11.28 19.31 4.37
CH3 ACT T . 11.05 19.25 6.78
N1 LDA U . -1.40 12.13 25.44
O1 LDA U . -2.13 11.23 26.35
CM1 LDA U . -0.03 12.24 26.00
CM2 LDA U . -2.08 13.44 25.54
C1 LDA U . -1.46 11.49 24.13
C2 LDA U . -0.75 12.20 22.96
C3 LDA U . -1.69 13.08 22.08
C4 LDA U . -2.53 12.23 21.14
C5 LDA U . -3.91 12.73 20.79
C6 LDA U . -3.94 13.65 19.56
C7 LDA U . -5.40 13.77 19.07
C8 LDA U . -5.37 14.73 17.87
C9 LDA U . -6.74 14.96 17.28
C10 LDA U . -6.64 15.89 16.04
C11 LDA U . -6.18 15.12 14.79
C12 LDA U . -5.77 16.04 13.65
#